data_3EVE
#
_entry.id   3EVE
#
_cell.length_a   104.422
_cell.length_b   104.422
_cell.length_c   51.746
_cell.angle_alpha   90.00
_cell.angle_beta   90.00
_cell.angle_gamma   120.00
#
_symmetry.space_group_name_H-M   'P 65'
#
loop_
_entity.id
_entity.type
_entity.pdbx_description
1 polymer 'RNA-directed RNA polymerase NS5'
2 non-polymer "GUANOSINE-P3-ADENOSINE-5',5'-TRIPHOSPHATE"
3 non-polymer S-ADENOSYL-L-HOMOCYSTEINE
4 water water
#
_entity_poly.entity_id   1
_entity_poly.type   'polypeptide(L)'
_entity_poly.pdbx_seq_one_letter_code
;MGSANGKTLGEVWKRELNLLDKRQFELYKRTDIVEVDRDTARRHLAEGKVDTGVAVSRGTAKLRWFHERGYVKLEGRVID
LGCGRGGWCYYAAAQKEVSGVKGFTLGRDGHEKPMNVQSLGWNIITFKDKTDIHRLEPVKCDTLLCDIGESSSSSVTEGE
RTVRVLDTVEKWLACGVDNFCVKVLAPYMPDVLEKLELLQRRFGGTVIRNPLSRNSTHEMYYVSGARSNVTFTVNQTSRL
LMRRMRRPTGKVTLEADVILPIGTRSVGSSSHHHHHH
;
_entity_poly.pdbx_strand_id   A
#
loop_
_chem_comp.id
_chem_comp.type
_chem_comp.name
_chem_comp.formula
G3A non-polymer GUANOSINE-P3-ADENOSINE-5',5'-TRIPHOSPHATE 'C20 H27 N10 O17 P3'
#
# COMPACT_ATOMS: atom_id res chain seq x y z
N LYS A 7 12.58 21.56 -5.44
CA LYS A 7 13.73 21.26 -6.35
C LYS A 7 13.50 19.99 -7.16
N THR A 8 13.08 18.90 -6.53
CA THR A 8 12.84 17.68 -7.29
C THR A 8 11.60 17.87 -8.13
N LEU A 9 11.50 17.08 -9.20
CA LEU A 9 10.35 17.18 -10.08
C LEU A 9 9.08 16.90 -9.27
N GLY A 10 9.17 15.97 -8.33
CA GLY A 10 8.03 15.64 -7.49
C GLY A 10 7.58 16.79 -6.62
N GLU A 11 8.52 17.57 -6.10
CA GLU A 11 8.17 18.71 -5.27
C GLU A 11 7.42 19.73 -6.12
N VAL A 12 7.82 19.87 -7.38
CA VAL A 12 7.14 20.81 -8.27
C VAL A 12 5.72 20.28 -8.49
N TRP A 13 5.60 18.98 -8.70
CA TRP A 13 4.29 18.34 -8.92
C TRP A 13 3.32 18.63 -7.79
N LYS A 14 3.78 18.51 -6.54
CA LYS A 14 2.92 18.77 -5.39
C LYS A 14 2.43 20.20 -5.37
N ARG A 15 3.33 21.13 -5.68
CA ARG A 15 3.00 22.54 -5.69
C ARG A 15 1.93 22.83 -6.75
N GLU A 16 2.11 22.27 -7.94
CA GLU A 16 1.15 22.49 -9.02
C GLU A 16 -0.18 21.79 -8.71
N LEU A 17 -0.09 20.63 -8.07
CA LEU A 17 -1.31 19.89 -7.71
C LEU A 17 -2.20 20.75 -6.84
N ASN A 18 -1.60 21.43 -5.86
CA ASN A 18 -2.36 22.26 -4.94
C ASN A 18 -2.99 23.50 -5.58
N LEU A 19 -2.56 23.83 -6.80
CA LEU A 19 -3.11 25.00 -7.50
C LEU A 19 -4.31 24.69 -8.39
N LEU A 20 -4.53 23.40 -8.66
CA LEU A 20 -5.64 22.98 -9.52
C LEU A 20 -7.01 23.40 -9.01
N ASP A 21 -7.92 23.77 -9.91
CA ASP A 21 -9.26 24.13 -9.47
C ASP A 21 -10.03 22.85 -9.17
N LYS A 22 -11.21 23.00 -8.57
CA LYS A 22 -12.03 21.86 -8.20
C LYS A 22 -12.29 20.82 -9.29
N ARG A 23 -12.72 21.26 -10.46
CA ARG A 23 -12.99 20.34 -11.55
C ARG A 23 -11.70 19.66 -12.01
N GLN A 24 -10.67 20.45 -12.26
CA GLN A 24 -9.39 19.89 -12.71
C GLN A 24 -8.82 18.88 -11.72
N PHE A 25 -8.94 19.17 -10.43
CA PHE A 25 -8.43 18.23 -9.44
C PHE A 25 -9.23 16.93 -9.51
N GLU A 26 -10.55 17.05 -9.59
CA GLU A 26 -11.42 15.88 -9.65
C GLU A 26 -11.11 15.04 -10.88
N LEU A 27 -10.96 15.70 -12.03
CA LEU A 27 -10.65 14.98 -13.26
C LEU A 27 -9.24 14.39 -13.18
N TYR A 28 -8.30 15.20 -12.71
CA TYR A 28 -6.90 14.78 -12.60
C TYR A 28 -6.67 13.51 -11.80
N LYS A 29 -7.24 13.43 -10.59
CA LYS A 29 -7.01 12.28 -9.73
C LYS A 29 -7.29 10.90 -10.32
N ARG A 30 -8.21 10.80 -11.27
CA ARG A 30 -8.52 9.50 -11.88
C ARG A 30 -8.13 9.40 -13.35
N THR A 31 -7.47 10.43 -13.87
CA THR A 31 -7.05 10.45 -15.26
C THR A 31 -6.09 9.33 -15.66
N ASP A 32 -6.54 8.49 -16.59
CA ASP A 32 -5.76 7.37 -17.11
C ASP A 32 -5.32 6.31 -16.10
N ILE A 33 -6.00 6.23 -14.94
CA ILE A 33 -5.62 5.22 -13.96
C ILE A 33 -6.49 3.98 -14.10
N VAL A 34 -6.08 2.92 -13.43
CA VAL A 34 -6.85 1.68 -13.43
C VAL A 34 -7.62 1.70 -12.13
N GLU A 35 -8.83 1.13 -12.14
CA GLU A 35 -9.65 1.12 -10.94
C GLU A 35 -10.45 -0.16 -10.90
N VAL A 36 -10.50 -0.80 -9.73
CA VAL A 36 -11.29 -2.01 -9.62
C VAL A 36 -12.72 -1.58 -9.35
N ASP A 37 -13.67 -2.33 -9.91
CA ASP A 37 -15.08 -2.02 -9.70
C ASP A 37 -15.42 -2.60 -8.33
N ARG A 38 -15.69 -1.71 -7.38
CA ARG A 38 -16.02 -2.10 -6.01
C ARG A 38 -17.51 -2.22 -5.72
N ASP A 39 -18.34 -1.97 -6.73
CA ASP A 39 -19.80 -2.01 -6.55
C ASP A 39 -20.32 -3.26 -5.84
N THR A 40 -20.11 -4.42 -6.44
CA THR A 40 -20.60 -5.65 -5.84
C THR A 40 -20.01 -5.94 -4.46
N ALA A 41 -18.70 -5.73 -4.31
CA ALA A 41 -18.07 -5.97 -3.02
C ALA A 41 -18.71 -5.12 -1.92
N ARG A 42 -18.90 -3.83 -2.19
CA ARG A 42 -19.49 -2.94 -1.20
C ARG A 42 -20.91 -3.33 -0.83
N ARG A 43 -21.69 -3.81 -1.80
CA ARG A 43 -23.06 -4.22 -1.50
C ARG A 43 -23.05 -5.45 -0.61
N HIS A 44 -22.18 -6.42 -0.91
CA HIS A 44 -22.11 -7.64 -0.10
C HIS A 44 -21.72 -7.33 1.33
N LEU A 45 -20.69 -6.51 1.51
CA LEU A 45 -20.23 -6.15 2.84
C LEU A 45 -21.31 -5.42 3.62
N ALA A 46 -21.99 -4.49 2.95
CA ALA A 46 -23.03 -3.70 3.59
C ALA A 46 -24.23 -4.54 4.04
N GLU A 47 -24.45 -5.68 3.41
CA GLU A 47 -25.58 -6.55 3.79
C GLU A 47 -25.16 -7.67 4.73
N GLY A 48 -23.91 -7.60 5.21
CA GLY A 48 -23.42 -8.60 6.15
C GLY A 48 -22.92 -9.92 5.58
N LYS A 49 -22.72 -10.00 4.27
CA LYS A 49 -22.22 -11.24 3.68
C LYS A 49 -20.74 -11.40 4.00
N VAL A 50 -20.36 -12.58 4.49
CA VAL A 50 -18.96 -12.84 4.83
C VAL A 50 -18.40 -14.04 4.08
N ASP A 51 -19.22 -14.68 3.26
CA ASP A 51 -18.79 -15.87 2.54
C ASP A 51 -18.81 -15.79 1.01
N THR A 52 -18.61 -14.61 0.45
CA THR A 52 -18.62 -14.48 -1.01
C THR A 52 -17.22 -14.24 -1.57
N GLY A 53 -16.25 -14.11 -0.67
CA GLY A 53 -14.87 -13.90 -1.09
C GLY A 53 -14.51 -12.51 -1.60
N VAL A 54 -15.41 -11.54 -1.45
CA VAL A 54 -15.12 -10.19 -1.91
C VAL A 54 -14.08 -9.54 -1.01
N ALA A 55 -13.38 -8.54 -1.54
CA ALA A 55 -12.32 -7.85 -0.78
C ALA A 55 -12.89 -6.81 0.15
N VAL A 56 -12.31 -6.68 1.34
CA VAL A 56 -12.82 -5.71 2.31
C VAL A 56 -12.42 -4.27 2.00
N SER A 57 -11.50 -4.08 1.06
CA SER A 57 -11.07 -2.73 0.69
C SER A 57 -10.38 -2.77 -0.66
N ARG A 58 -10.05 -1.59 -1.19
CA ARG A 58 -9.35 -1.49 -2.47
C ARG A 58 -7.91 -1.96 -2.33
N GLY A 59 -7.46 -2.11 -1.09
CA GLY A 59 -6.09 -2.54 -0.84
C GLY A 59 -5.76 -3.94 -1.33
N THR A 60 -6.75 -4.84 -1.30
CA THR A 60 -6.54 -6.20 -1.74
C THR A 60 -6.03 -6.23 -3.18
N ALA A 61 -6.67 -5.47 -4.06
CA ALA A 61 -6.26 -5.42 -5.46
C ALA A 61 -4.85 -4.80 -5.60
N LYS A 62 -4.53 -3.84 -4.74
CA LYS A 62 -3.22 -3.20 -4.78
C LYS A 62 -2.10 -4.21 -4.49
N LEU A 63 -2.27 -4.99 -3.44
CA LEU A 63 -1.26 -5.99 -3.10
C LEU A 63 -1.23 -7.10 -4.15
N ARG A 64 -2.39 -7.48 -4.67
CA ARG A 64 -2.43 -8.52 -5.68
C ARG A 64 -1.56 -8.11 -6.88
N TRP A 65 -1.65 -6.84 -7.27
CA TRP A 65 -0.86 -6.36 -8.41
C TRP A 65 0.63 -6.60 -8.20
N PHE A 66 1.14 -6.27 -7.01
CA PHE A 66 2.56 -6.47 -6.69
C PHE A 66 2.91 -7.96 -6.66
N HIS A 67 2.07 -8.73 -5.97
CA HIS A 67 2.27 -10.17 -5.82
C HIS A 67 2.26 -10.96 -7.13
N GLU A 68 1.28 -10.70 -7.98
CA GLU A 68 1.15 -11.43 -9.23
C GLU A 68 2.27 -11.20 -10.24
N ARG A 69 3.12 -10.19 -10.01
CA ARG A 69 4.20 -9.94 -10.94
C ARG A 69 5.59 -9.99 -10.27
N GLY A 70 5.66 -10.71 -9.17
CA GLY A 70 6.90 -10.91 -8.45
C GLY A 70 7.54 -9.75 -7.70
N TYR A 71 6.82 -8.65 -7.52
CA TYR A 71 7.41 -7.53 -6.78
C TYR A 71 7.53 -7.85 -5.30
N VAL A 72 6.71 -8.76 -4.81
CA VAL A 72 6.80 -9.19 -3.42
C VAL A 72 6.26 -10.60 -3.30
N LYS A 73 7.02 -11.47 -2.66
CA LYS A 73 6.55 -12.83 -2.46
C LYS A 73 5.87 -12.81 -1.09
N LEU A 74 4.79 -13.55 -0.96
CA LEU A 74 4.07 -13.62 0.30
C LEU A 74 4.31 -15.03 0.81
N GLU A 75 5.16 -15.13 1.83
CA GLU A 75 5.56 -16.42 2.38
C GLU A 75 5.65 -16.44 3.90
N GLY A 76 5.44 -17.63 4.46
CA GLY A 76 5.55 -17.85 5.89
C GLY A 76 4.83 -16.91 6.82
N ARG A 77 5.57 -16.40 7.81
CA ARG A 77 5.04 -15.48 8.80
C ARG A 77 4.90 -14.09 8.23
N VAL A 78 3.66 -13.63 8.08
CA VAL A 78 3.40 -12.31 7.53
C VAL A 78 3.00 -11.34 8.64
N ILE A 79 3.54 -10.13 8.58
CA ILE A 79 3.19 -9.09 9.52
C ILE A 79 2.72 -7.91 8.67
N ASP A 80 1.56 -7.36 9.02
CA ASP A 80 0.97 -6.25 8.28
C ASP A 80 0.78 -5.06 9.22
N LEU A 81 1.67 -4.08 9.11
CA LEU A 81 1.61 -2.89 9.95
C LEU A 81 0.65 -1.89 9.33
N GLY A 82 -0.36 -1.45 10.11
CA GLY A 82 -1.34 -0.51 9.59
C GLY A 82 -2.30 -1.25 8.68
N CYS A 83 -2.84 -2.37 9.17
CA CYS A 83 -3.74 -3.20 8.37
C CYS A 83 -5.12 -2.59 8.07
N GLY A 84 -5.57 -1.65 8.88
CA GLY A 84 -6.87 -1.05 8.64
C GLY A 84 -7.95 -2.11 8.62
N ARG A 85 -8.81 -2.07 7.59
CA ARG A 85 -9.89 -3.05 7.43
C ARG A 85 -9.36 -4.46 7.21
N GLY A 86 -8.11 -4.56 6.74
CA GLY A 86 -7.50 -5.86 6.53
C GLY A 86 -7.35 -6.39 5.12
N GLY A 87 -7.51 -5.53 4.12
CA GLY A 87 -7.38 -5.96 2.73
C GLY A 87 -6.13 -6.74 2.38
N TRP A 88 -5.00 -6.36 2.96
CA TRP A 88 -3.74 -7.05 2.69
C TRP A 88 -3.65 -8.34 3.50
N CYS A 89 -4.19 -8.33 4.72
CA CYS A 89 -4.17 -9.53 5.55
C CYS A 89 -4.97 -10.65 4.91
N TYR A 90 -6.17 -10.32 4.42
CA TYR A 90 -6.99 -11.33 3.78
C TYR A 90 -6.36 -11.84 2.50
N TYR A 91 -5.73 -10.95 1.74
CA TYR A 91 -5.09 -11.39 0.51
C TYR A 91 -3.94 -12.36 0.83
N ALA A 92 -3.12 -12.00 1.81
CA ALA A 92 -1.98 -12.85 2.18
C ALA A 92 -2.45 -14.19 2.74
N ALA A 93 -3.47 -14.14 3.59
CA ALA A 93 -4.01 -15.33 4.23
C ALA A 93 -4.48 -16.42 3.26
N ALA A 94 -4.88 -16.01 2.05
CA ALA A 94 -5.37 -16.95 1.04
C ALA A 94 -4.28 -17.60 0.20
N GLN A 95 -3.03 -17.17 0.37
CA GLN A 95 -1.92 -17.72 -0.40
C GLN A 95 -1.34 -18.96 0.30
N LYS A 96 -1.19 -20.04 -0.45
CA LYS A 96 -0.68 -21.30 0.08
C LYS A 96 0.67 -21.20 0.79
N GLU A 97 1.54 -20.35 0.28
CA GLU A 97 2.88 -20.18 0.84
C GLU A 97 2.90 -19.47 2.20
N VAL A 98 1.79 -18.83 2.56
CA VAL A 98 1.69 -18.11 3.81
C VAL A 98 1.25 -19.05 4.94
N SER A 99 1.90 -18.95 6.10
CA SER A 99 1.56 -19.83 7.22
C SER A 99 0.77 -19.12 8.33
N GLY A 100 0.89 -17.80 8.40
CA GLY A 100 0.18 -17.06 9.41
C GLY A 100 0.28 -15.57 9.16
N VAL A 101 -0.70 -14.82 9.62
CA VAL A 101 -0.74 -13.37 9.42
C VAL A 101 -1.08 -12.60 10.69
N LYS A 102 -0.25 -11.61 11.02
CA LYS A 102 -0.49 -10.77 12.19
C LYS A 102 -0.68 -9.35 11.67
N GLY A 103 -1.88 -8.81 11.84
CA GLY A 103 -2.14 -7.45 11.38
C GLY A 103 -2.28 -6.55 12.60
N PHE A 104 -1.71 -5.36 12.52
CA PHE A 104 -1.79 -4.39 13.62
C PHE A 104 -2.30 -3.07 13.06
N THR A 105 -3.17 -2.41 13.81
CA THR A 105 -3.71 -1.14 13.35
C THR A 105 -4.28 -0.33 14.50
N LEU A 106 -4.41 0.98 14.30
CA LEU A 106 -4.95 1.87 15.32
C LEU A 106 -6.41 1.55 15.64
N GLY A 107 -7.24 1.51 14.60
CA GLY A 107 -8.65 1.20 14.79
C GLY A 107 -9.25 1.97 15.94
N ARG A 108 -9.14 3.30 15.88
CA ARG A 108 -9.64 4.16 16.94
C ARG A 108 -9.75 5.59 16.42
N ASP A 109 -10.53 6.40 17.12
CA ASP A 109 -10.71 7.81 16.78
C ASP A 109 -10.88 8.06 15.28
N GLY A 110 -11.72 7.27 14.63
CA GLY A 110 -11.95 7.46 13.21
C GLY A 110 -11.16 6.55 12.30
N HIS A 111 -10.12 5.92 12.84
CA HIS A 111 -9.29 5.01 12.06
C HIS A 111 -10.01 3.68 11.81
N GLU A 112 -9.97 3.22 10.55
CA GLU A 112 -10.64 1.99 10.17
C GLU A 112 -10.26 0.81 11.07
N LYS A 113 -11.25 0.04 11.49
CA LYS A 113 -10.99 -1.13 12.32
C LYS A 113 -11.04 -2.35 11.42
N PRO A 114 -10.38 -3.44 11.81
CA PRO A 114 -10.37 -4.66 11.01
C PRO A 114 -11.78 -5.17 10.73
N MET A 115 -12.05 -5.56 9.49
CA MET A 115 -13.36 -6.09 9.16
C MET A 115 -13.31 -7.60 9.24
N ASN A 116 -14.42 -8.22 9.63
CA ASN A 116 -14.48 -9.66 9.75
C ASN A 116 -15.24 -10.34 8.62
N VAL A 117 -14.50 -11.06 7.79
CA VAL A 117 -15.10 -11.82 6.70
C VAL A 117 -14.43 -13.17 6.75
N GLN A 118 -14.99 -14.13 6.01
CA GLN A 118 -14.44 -15.46 6.01
C GLN A 118 -13.86 -15.96 4.70
N SER A 119 -13.06 -15.12 4.05
CA SER A 119 -12.41 -15.54 2.82
C SER A 119 -11.33 -16.54 3.25
N LEU A 120 -10.80 -17.31 2.31
CA LEU A 120 -9.82 -18.33 2.61
C LEU A 120 -8.68 -17.95 3.56
N GLY A 121 -8.54 -18.74 4.63
CA GLY A 121 -7.49 -18.49 5.59
C GLY A 121 -7.74 -17.42 6.62
N TRP A 122 -8.99 -16.96 6.73
CA TRP A 122 -9.31 -15.95 7.73
C TRP A 122 -8.85 -16.43 9.11
N ASN A 123 -8.89 -17.75 9.32
CA ASN A 123 -8.51 -18.32 10.62
C ASN A 123 -7.02 -18.25 10.94
N ILE A 124 -6.18 -17.92 9.96
CA ILE A 124 -4.75 -17.83 10.25
C ILE A 124 -4.31 -16.39 10.45
N ILE A 125 -5.29 -15.48 10.49
CA ILE A 125 -5.01 -14.07 10.71
C ILE A 125 -5.33 -13.70 12.15
N THR A 126 -4.45 -12.94 12.78
CA THR A 126 -4.69 -12.45 14.12
C THR A 126 -4.66 -10.93 14.03
N PHE A 127 -5.84 -10.31 14.12
CA PHE A 127 -5.97 -8.86 14.07
C PHE A 127 -5.82 -8.27 15.46
N LYS A 128 -5.13 -7.14 15.54
CA LYS A 128 -4.95 -6.45 16.81
C LYS A 128 -5.08 -4.95 16.57
N ASP A 129 -6.13 -4.35 17.12
CA ASP A 129 -6.38 -2.92 16.97
C ASP A 129 -5.80 -2.17 18.17
N LYS A 130 -6.07 -0.87 18.25
CA LYS A 130 -5.57 -0.05 19.34
C LYS A 130 -4.06 -0.22 19.48
N THR A 131 -3.38 -0.34 18.35
CA THR A 131 -1.93 -0.52 18.34
C THR A 131 -1.23 0.49 17.46
N ASP A 132 -0.34 1.29 18.06
CA ASP A 132 0.44 2.27 17.31
C ASP A 132 1.70 1.50 16.94
N ILE A 133 1.85 1.17 15.65
CA ILE A 133 2.99 0.39 15.22
C ILE A 133 4.36 1.05 15.39
N HIS A 134 4.39 2.35 15.64
CA HIS A 134 5.67 3.04 15.86
C HIS A 134 6.23 2.66 17.23
N ARG A 135 5.35 2.21 18.12
CA ARG A 135 5.76 1.81 19.47
C ARG A 135 5.66 0.31 19.67
N LEU A 136 5.29 -0.42 18.63
CA LEU A 136 5.17 -1.87 18.72
C LEU A 136 6.56 -2.50 18.65
N GLU A 137 6.86 -3.40 19.58
CA GLU A 137 8.16 -4.05 19.60
C GLU A 137 8.28 -4.96 18.37
N PRO A 138 9.35 -4.78 17.57
CA PRO A 138 9.53 -5.62 16.38
C PRO A 138 9.60 -7.10 16.72
N VAL A 139 9.04 -7.92 15.85
CA VAL A 139 9.07 -9.37 16.02
C VAL A 139 9.52 -9.99 14.70
N LYS A 140 10.18 -11.13 14.81
CA LYS A 140 10.70 -11.84 13.65
C LYS A 140 9.58 -12.33 12.74
N CYS A 141 9.74 -12.14 11.44
CA CYS A 141 8.76 -12.60 10.47
C CYS A 141 9.47 -12.85 9.14
N ASP A 142 8.74 -13.38 8.17
CA ASP A 142 9.32 -13.68 6.87
C ASP A 142 8.92 -12.68 5.80
N THR A 143 7.71 -12.15 5.92
CA THR A 143 7.17 -11.19 4.96
C THR A 143 6.64 -9.99 5.75
N LEU A 144 7.23 -8.82 5.50
CA LEU A 144 6.82 -7.60 6.20
C LEU A 144 6.07 -6.65 5.29
N LEU A 145 4.84 -6.32 5.68
CA LEU A 145 3.98 -5.41 4.93
C LEU A 145 3.64 -4.19 5.77
N CYS A 146 3.54 -3.03 5.11
CA CYS A 146 3.19 -1.80 5.78
C CYS A 146 2.57 -0.88 4.75
N ASP A 147 1.33 -0.47 4.99
CA ASP A 147 0.63 0.41 4.06
C ASP A 147 0.20 1.70 4.75
N ILE A 148 1.15 2.35 5.40
CA ILE A 148 0.88 3.59 6.14
C ILE A 148 1.45 4.85 5.50
N GLY A 149 0.64 5.90 5.51
CA GLY A 149 1.08 7.16 4.95
C GLY A 149 -0.11 8.06 4.66
N GLU A 150 -0.33 9.05 5.53
CA GLU A 150 -1.45 9.97 5.37
C GLU A 150 -1.05 11.18 4.53
N SER A 151 -1.76 11.40 3.43
CA SER A 151 -1.48 12.52 2.54
C SER A 151 -1.58 13.87 3.25
N SER A 152 -0.87 14.85 2.75
CA SER A 152 -0.89 16.20 3.30
C SER A 152 -0.64 17.17 2.17
N SER A 153 -1.35 18.31 2.18
CA SER A 153 -1.15 19.30 1.15
C SER A 153 0.28 19.86 1.25
N SER A 154 0.92 19.65 2.40
CA SER A 154 2.29 20.12 2.60
C SER A 154 3.31 19.04 2.26
N SER A 155 4.21 19.34 1.32
CA SER A 155 5.24 18.38 0.94
C SER A 155 6.18 18.12 2.12
N VAL A 156 6.44 19.17 2.91
CA VAL A 156 7.31 19.03 4.08
C VAL A 156 6.70 17.99 5.02
N THR A 157 5.40 18.09 5.24
CA THR A 157 4.71 17.16 6.11
C THR A 157 4.69 15.74 5.54
N GLU A 158 4.47 15.60 4.23
CA GLU A 158 4.47 14.26 3.65
C GLU A 158 5.86 13.66 3.81
N GLY A 159 6.89 14.50 3.69
CA GLY A 159 8.25 14.03 3.85
C GLY A 159 8.47 13.51 5.26
N GLU A 160 8.04 14.29 6.25
CA GLU A 160 8.19 13.90 7.66
C GLU A 160 7.48 12.59 7.94
N ARG A 161 6.25 12.45 7.49
CA ARG A 161 5.48 11.24 7.72
C ARG A 161 6.11 10.02 7.05
N THR A 162 6.66 10.23 5.85
CA THR A 162 7.31 9.14 5.13
C THR A 162 8.61 8.69 5.81
N VAL A 163 9.44 9.65 6.22
CA VAL A 163 10.69 9.27 6.87
C VAL A 163 10.39 8.58 8.18
N ARG A 164 9.30 8.94 8.84
CA ARG A 164 8.95 8.31 10.11
C ARG A 164 8.57 6.85 9.86
N VAL A 165 7.81 6.59 8.79
CA VAL A 165 7.41 5.22 8.47
C VAL A 165 8.66 4.39 8.12
N LEU A 166 9.53 4.92 7.26
CA LEU A 166 10.73 4.17 6.90
C LEU A 166 11.63 3.94 8.11
N ASP A 167 11.67 4.91 9.02
CA ASP A 167 12.49 4.80 10.22
C ASP A 167 11.99 3.64 11.07
N THR A 168 10.68 3.53 11.21
CA THR A 168 10.11 2.44 12.00
C THR A 168 10.27 1.12 11.27
N VAL A 169 9.98 1.12 9.96
CA VAL A 169 10.11 -0.10 9.17
C VAL A 169 11.53 -0.67 9.22
N GLU A 170 12.54 0.19 9.24
CA GLU A 170 13.91 -0.31 9.28
C GLU A 170 14.15 -1.18 10.52
N LYS A 171 13.49 -0.85 11.62
CA LYS A 171 13.64 -1.65 12.83
C LYS A 171 13.19 -3.07 12.59
N TRP A 172 12.09 -3.23 11.85
CA TRP A 172 11.54 -4.54 11.55
C TRP A 172 12.37 -5.29 10.51
N LEU A 173 12.83 -4.60 9.47
CA LEU A 173 13.64 -5.25 8.45
C LEU A 173 14.95 -5.73 9.07
N ALA A 174 15.44 -5.01 10.06
CA ALA A 174 16.69 -5.36 10.73
C ALA A 174 16.63 -6.71 11.42
N CYS A 175 15.43 -7.19 11.72
CA CYS A 175 15.26 -8.47 12.38
C CYS A 175 15.56 -9.62 11.41
N GLY A 176 15.59 -9.29 10.13
CA GLY A 176 15.86 -10.29 9.11
C GLY A 176 14.57 -10.77 8.47
N VAL A 177 14.25 -10.21 7.30
CA VAL A 177 13.04 -10.59 6.59
C VAL A 177 13.36 -10.92 5.13
N ASP A 178 12.65 -11.89 4.56
CA ASP A 178 12.88 -12.28 3.18
C ASP A 178 12.13 -11.38 2.20
N ASN A 179 10.90 -11.03 2.57
CA ASN A 179 10.04 -10.24 1.68
C ASN A 179 9.45 -9.00 2.35
N PHE A 180 9.22 -7.95 1.55
CA PHE A 180 8.62 -6.75 2.08
C PHE A 180 7.94 -5.90 1.02
N CYS A 181 6.93 -5.15 1.45
CA CYS A 181 6.17 -4.27 0.58
C CYS A 181 5.74 -3.16 1.51
N VAL A 182 6.38 -1.99 1.37
CA VAL A 182 6.14 -0.86 2.24
C VAL A 182 5.77 0.41 1.50
N LYS A 183 4.64 1.01 1.89
CA LYS A 183 4.22 2.24 1.26
C LYS A 183 5.18 3.38 1.57
N VAL A 184 5.54 4.13 0.53
CA VAL A 184 6.41 5.30 0.67
C VAL A 184 5.53 6.44 0.17
N LEU A 185 4.95 7.17 1.11
CA LEU A 185 4.04 8.27 0.78
C LEU A 185 4.59 9.31 -0.19
N ALA A 186 5.76 9.85 0.14
CA ALA A 186 6.38 10.90 -0.67
C ALA A 186 7.79 10.51 -1.07
N PRO A 187 7.94 9.64 -2.07
CA PRO A 187 9.27 9.21 -2.52
C PRO A 187 10.03 10.31 -3.22
N TYR A 188 9.31 11.37 -3.58
CA TYR A 188 9.89 12.53 -4.26
C TYR A 188 10.67 13.48 -3.36
N MET A 189 10.47 13.39 -2.05
CA MET A 189 11.21 14.27 -1.14
C MET A 189 12.66 13.80 -1.07
N PRO A 190 13.61 14.73 -1.18
CA PRO A 190 15.05 14.44 -1.15
C PRO A 190 15.57 13.59 0.01
N ASP A 191 15.10 13.85 1.23
CA ASP A 191 15.56 13.06 2.37
C ASP A 191 15.06 11.62 2.24
N VAL A 192 13.87 11.47 1.67
CA VAL A 192 13.28 10.15 1.48
C VAL A 192 14.06 9.39 0.42
N LEU A 193 14.40 10.08 -0.66
CA LEU A 193 15.18 9.45 -1.72
C LEU A 193 16.47 8.90 -1.14
N GLU A 194 17.13 9.69 -0.30
CA GLU A 194 18.38 9.25 0.31
C GLU A 194 18.17 8.07 1.27
N LYS A 195 17.09 8.09 2.05
CA LYS A 195 16.84 6.98 2.97
C LYS A 195 16.58 5.70 2.15
N LEU A 196 15.87 5.85 1.03
CA LEU A 196 15.57 4.72 0.17
C LEU A 196 16.86 4.13 -0.43
N GLU A 197 17.80 4.99 -0.82
CA GLU A 197 19.05 4.53 -1.38
C GLU A 197 19.85 3.78 -0.32
N LEU A 198 19.79 4.27 0.92
CA LEU A 198 20.49 3.60 2.02
C LEU A 198 19.84 2.25 2.31
N LEU A 199 18.51 2.22 2.39
CA LEU A 199 17.80 0.97 2.66
C LEU A 199 18.06 -0.03 1.55
N GLN A 200 18.10 0.44 0.31
CA GLN A 200 18.35 -0.43 -0.83
C GLN A 200 19.70 -1.13 -0.69
N ARG A 201 20.71 -0.38 -0.24
CA ARG A 201 22.03 -0.96 -0.08
C ARG A 201 22.09 -1.95 1.07
N ARG A 202 21.26 -1.75 2.08
CA ARG A 202 21.23 -2.63 3.24
C ARG A 202 20.33 -3.86 3.09
N PHE A 203 19.15 -3.66 2.49
CA PHE A 203 18.17 -4.73 2.35
C PHE A 203 17.78 -5.09 0.91
N GLY A 204 18.27 -4.32 -0.05
CA GLY A 204 17.92 -4.59 -1.44
C GLY A 204 16.57 -3.98 -1.78
N GLY A 205 15.94 -4.46 -2.85
CA GLY A 205 14.65 -3.94 -3.25
C GLY A 205 14.70 -2.63 -4.02
N THR A 206 13.53 -2.06 -4.27
CA THR A 206 13.43 -0.80 -4.98
C THR A 206 12.01 -0.25 -4.81
N VAL A 207 11.71 0.91 -5.38
CA VAL A 207 10.36 1.46 -5.25
C VAL A 207 9.61 1.37 -6.56
N ILE A 208 8.35 0.97 -6.46
CA ILE A 208 7.50 0.77 -7.63
C ILE A 208 6.17 1.52 -7.51
N ARG A 209 5.74 2.11 -8.62
CA ARG A 209 4.45 2.81 -8.66
C ARG A 209 3.36 1.80 -9.02
N ASN A 210 2.31 1.75 -8.22
CA ASN A 210 1.19 0.84 -8.46
C ASN A 210 0.20 1.56 -9.38
N PRO A 211 -0.23 0.92 -10.48
CA PRO A 211 -1.17 1.57 -11.39
C PRO A 211 -2.54 1.90 -10.81
N LEU A 212 -2.87 1.30 -9.67
CA LEU A 212 -4.15 1.54 -9.02
C LEU A 212 -4.12 2.79 -8.14
N SER A 213 -2.94 3.36 -7.94
CA SER A 213 -2.80 4.56 -7.14
C SER A 213 -3.38 5.74 -7.92
N ARG A 214 -4.06 6.64 -7.22
CA ARG A 214 -4.63 7.81 -7.88
C ARG A 214 -3.53 8.83 -8.15
N ASN A 215 -3.77 9.72 -9.11
CA ASN A 215 -2.78 10.73 -9.48
C ASN A 215 -2.58 11.80 -8.43
N SER A 216 -3.52 11.92 -7.50
CA SER A 216 -3.43 12.91 -6.44
C SER A 216 -2.42 12.56 -5.35
N THR A 217 -1.77 11.40 -5.47
CA THR A 217 -0.75 11.01 -4.50
C THR A 217 0.45 10.48 -5.28
N HIS A 218 1.66 10.73 -4.78
CA HIS A 218 2.88 10.29 -5.44
C HIS A 218 3.38 8.99 -4.79
N GLU A 219 2.53 8.37 -3.97
CA GLU A 219 2.94 7.14 -3.28
C GLU A 219 3.54 6.08 -4.21
N MET A 220 4.57 5.40 -3.71
CA MET A 220 5.20 4.30 -4.43
C MET A 220 5.50 3.29 -3.32
N TYR A 221 5.76 2.05 -3.69
CA TYR A 221 6.04 1.05 -2.67
C TYR A 221 7.44 0.48 -2.75
N TYR A 222 8.07 0.39 -1.58
CA TYR A 222 9.41 -0.18 -1.45
C TYR A 222 9.17 -1.68 -1.35
N VAL A 223 9.60 -2.42 -2.39
CA VAL A 223 9.40 -3.86 -2.47
C VAL A 223 10.70 -4.62 -2.64
N SER A 224 10.69 -5.88 -2.19
CA SER A 224 11.85 -6.74 -2.23
C SER A 224 12.11 -7.50 -3.53
N GLY A 225 11.09 -7.62 -4.36
CA GLY A 225 11.19 -8.38 -5.60
C GLY A 225 11.92 -7.86 -6.81
N ALA A 226 12.45 -6.64 -6.75
CA ALA A 226 13.18 -6.07 -7.88
C ALA A 226 14.21 -5.08 -7.36
N ARG A 227 15.14 -4.70 -8.21
CA ARG A 227 16.17 -3.74 -7.83
C ARG A 227 16.40 -2.80 -9.00
N SER A 228 16.27 -1.50 -8.76
CA SER A 228 16.47 -0.54 -9.83
C SER A 228 16.93 0.80 -9.29
N ASN A 229 17.26 1.69 -10.22
CA ASN A 229 17.73 3.03 -9.89
C ASN A 229 16.56 3.80 -9.26
N VAL A 230 16.63 4.02 -7.95
CA VAL A 230 15.58 4.73 -7.23
C VAL A 230 15.26 6.14 -7.73
N THR A 231 16.27 7.00 -7.82
CA THR A 231 16.02 8.35 -8.27
C THR A 231 15.46 8.38 -9.69
N PHE A 232 15.93 7.48 -10.54
CA PHE A 232 15.45 7.44 -11.91
C PHE A 232 13.97 7.08 -11.96
N THR A 233 13.61 5.98 -11.32
CA THR A 233 12.23 5.53 -11.36
C THR A 233 11.25 6.45 -10.62
N VAL A 234 11.69 7.07 -9.55
CA VAL A 234 10.80 8.00 -8.85
C VAL A 234 10.51 9.16 -9.81
N ASN A 235 11.56 9.64 -10.50
CA ASN A 235 11.35 10.74 -11.43
C ASN A 235 10.53 10.33 -12.65
N GLN A 236 10.59 9.07 -13.04
CA GLN A 236 9.78 8.61 -14.18
C GLN A 236 8.32 8.80 -13.76
N THR A 237 8.00 8.44 -12.53
CA THR A 237 6.63 8.60 -12.05
C THR A 237 6.29 10.09 -11.95
N SER A 238 7.22 10.93 -11.48
CA SER A 238 6.95 12.37 -11.42
C SER A 238 6.61 12.89 -12.82
N ARG A 239 7.37 12.45 -13.82
CA ARG A 239 7.11 12.90 -15.19
C ARG A 239 5.73 12.46 -15.66
N LEU A 240 5.34 11.24 -15.31
CA LEU A 240 4.03 10.73 -15.69
C LEU A 240 2.91 11.52 -15.01
N LEU A 241 3.08 11.78 -13.72
CA LEU A 241 2.07 12.54 -12.98
C LEU A 241 1.90 13.97 -13.50
N MET A 242 2.99 14.59 -13.90
CA MET A 242 2.92 15.96 -14.40
C MET A 242 2.28 16.02 -15.79
N ARG A 243 2.54 15.00 -16.58
CA ARG A 243 1.99 14.90 -17.93
C ARG A 243 0.47 14.81 -17.84
N ARG A 244 -0.02 13.99 -16.89
CA ARG A 244 -1.46 13.83 -16.72
C ARG A 244 -2.16 15.07 -16.19
N MET A 245 -1.40 15.99 -15.62
CA MET A 245 -1.99 17.21 -15.09
C MET A 245 -2.23 18.26 -16.17
N ARG A 246 -1.56 18.11 -17.32
CA ARG A 246 -1.70 19.08 -18.40
C ARG A 246 -3.14 19.27 -18.88
N ARG A 247 -3.83 18.19 -19.20
CA ARG A 247 -5.22 18.29 -19.63
C ARG A 247 -5.99 17.05 -19.23
N PRO A 248 -6.39 16.98 -17.95
CA PRO A 248 -7.14 15.91 -17.30
C PRO A 248 -8.43 15.55 -18.03
N THR A 249 -8.62 14.27 -18.26
CA THR A 249 -9.80 13.77 -18.94
C THR A 249 -10.69 13.03 -17.95
N GLY A 250 -10.10 12.58 -16.85
CA GLY A 250 -10.85 11.85 -15.86
C GLY A 250 -11.18 10.47 -16.38
N LYS A 251 -10.56 10.09 -17.49
CA LYS A 251 -10.78 8.78 -18.10
C LYS A 251 -10.18 7.68 -17.27
N VAL A 252 -11.02 6.75 -16.81
CA VAL A 252 -10.56 5.65 -15.99
C VAL A 252 -10.76 4.32 -16.68
N THR A 253 -9.92 3.35 -16.34
CA THR A 253 -10.03 2.01 -16.90
C THR A 253 -10.50 1.09 -15.76
N LEU A 254 -11.75 0.63 -15.86
CA LEU A 254 -12.31 -0.24 -14.85
C LEU A 254 -11.90 -1.70 -15.05
N GLU A 255 -11.56 -2.36 -13.94
CA GLU A 255 -11.16 -3.76 -14.00
C GLU A 255 -11.84 -4.52 -12.86
N ALA A 256 -11.92 -5.84 -13.01
CA ALA A 256 -12.54 -6.69 -12.00
C ALA A 256 -11.78 -6.71 -10.68
N ASP A 257 -12.51 -6.52 -9.59
CA ASP A 257 -11.93 -6.53 -8.25
C ASP A 257 -11.54 -7.96 -7.90
N VAL A 258 -10.79 -8.14 -6.82
CA VAL A 258 -10.36 -9.46 -6.41
C VAL A 258 -11.45 -10.27 -5.70
N ILE A 259 -11.60 -11.52 -6.11
CA ILE A 259 -12.54 -12.43 -5.46
C ILE A 259 -11.71 -13.63 -5.03
N LEU A 260 -11.59 -13.83 -3.73
CA LEU A 260 -10.79 -14.92 -3.19
C LEU A 260 -11.63 -16.14 -2.86
N PRO A 261 -10.98 -17.30 -2.73
CA PRO A 261 -11.76 -18.50 -2.38
C PRO A 261 -12.22 -18.26 -0.95
N ILE A 262 -13.05 -19.13 -0.41
CA ILE A 262 -13.55 -18.95 0.95
C ILE A 262 -13.28 -20.15 1.83
N GLY A 263 -13.45 -19.97 3.13
CA GLY A 263 -13.27 -21.08 4.03
C GLY A 263 -12.06 -20.99 4.94
N THR A 264 -12.00 -21.93 5.88
CA THR A 264 -10.90 -21.98 6.82
C THR A 264 -9.78 -22.80 6.19
N ARG A 265 -8.57 -22.61 6.69
CA ARG A 265 -7.44 -23.40 6.22
C ARG A 265 -7.24 -24.33 7.41
N SER A 266 -7.56 -25.61 7.23
CA SER A 266 -7.44 -26.59 8.30
C SER A 266 -6.51 -27.75 7.95
N VAL A 267 -6.17 -28.55 8.95
CA VAL A 267 -5.29 -29.70 8.76
C VAL A 267 -5.90 -30.71 7.79
O36 G3A B . -9.75 20.07 -3.64
C36 G3A B . -8.54 19.91 -3.83
N31 G3A B . -7.84 20.76 -4.68
C32 G3A B . -6.50 20.69 -4.96
N32 G3A B . -6.01 21.61 -5.82
N33 G3A B . -5.68 19.79 -4.44
C35 G3A B . -7.67 18.93 -3.26
C34 G3A B . -6.34 18.95 -3.60
N37 G3A B . -7.94 17.90 -2.37
C38 G3A B . -6.78 17.31 -2.20
N39 G3A B . -5.77 17.89 -2.92
C41 G3A B . -4.36 17.50 -2.98
O44 G3A B . -4.29 16.10 -3.19
C42 G3A B . -3.58 17.82 -1.71
O42 G3A B . -2.25 18.14 -2.04
C43 G3A B . -3.69 16.50 -0.95
O43 G3A B . -2.65 16.31 -0.01
C44 G3A B . -3.60 15.47 -2.07
C45 G3A B . -4.27 14.15 -1.78
O45 G3A B . -5.64 14.35 -1.44
PA G3A B . -6.45 13.17 -0.71
O1A G3A B . -7.95 13.71 -0.50
O2A G3A B . -6.42 11.91 -1.49
O1 G3A B . -5.78 12.97 0.74
PB G3A B . -6.38 13.66 2.06
O2B G3A B . -5.33 13.33 3.22
O3B G3A B . -7.75 13.17 2.39
O3A G3A B . -6.32 15.25 1.80
PG G3A B . -5.56 16.28 2.78
O1G G3A B . -4.14 16.38 2.02
O2G G3A B . -5.55 15.49 4.03
O25 G3A B . -6.54 17.54 2.54
C25 G3A B . -7.70 17.69 3.34
C24 G3A B . -8.76 18.44 2.59
C23 G3A B . -9.05 17.95 1.17
O23 G3A B . -10.01 16.90 1.16
C22 G3A B . -9.57 19.19 0.49
O22 G3A B . -10.92 19.45 0.80
O24 G3A B . -8.26 19.79 2.38
C21 G3A B . -8.70 20.29 1.13
N19 G3A B . -7.55 20.68 0.32
C14 G3A B . -7.48 21.67 -0.65
N13 G3A B . -8.46 22.52 -1.05
C12 G3A B . -8.02 23.35 -2.02
N11 G3A B . -6.80 23.41 -2.57
C18 G3A B . -6.30 20.10 0.35
N17 G3A B . -5.45 20.62 -0.51
C15 G3A B . -6.19 21.62 -1.14
C16 G3A B . -5.83 22.56 -2.14
N16 G3A B . -4.61 22.63 -2.66
N SAH C . -3.65 -2.15 3.31
CA SAH C . -4.93 -1.95 3.98
CB SAH C . -5.27 -0.46 4.02
CG SAH C . -4.36 0.27 5.01
SD SAH C . -4.79 2.05 5.17
C SAH C . -6.04 -2.69 3.22
O SAH C . -7.22 -2.50 3.62
OXT SAH C . -5.69 -3.42 2.27
C5' SAH C . -3.60 2.52 6.49
C4' SAH C . -4.06 2.11 7.88
O4' SAH C . -2.97 2.35 8.79
C3' SAH C . -5.23 2.98 8.35
O3' SAH C . -6.27 2.18 8.89
C2' SAH C . -4.60 3.83 9.44
O2' SAH C . -5.57 4.10 10.46
C1' SAH C . -3.56 2.85 9.99
N9 SAH C . -2.52 3.54 10.78
C8 SAH C . -2.05 4.76 10.56
N7 SAH C . -1.08 5.04 11.43
C5 SAH C . -0.94 3.97 12.22
C6 SAH C . -0.11 3.67 13.29
N6 SAH C . 0.75 4.57 13.75
N1 SAH C . -0.21 2.47 13.86
C2 SAH C . -1.10 1.57 13.45
N3 SAH C . -1.91 1.84 12.44
C4 SAH C . -1.86 3.01 11.81
#